data_6P7O
#
_entry.id   6P7O
#
_cell.length_a   208.790
_cell.length_b   208.790
_cell.length_c   208.790
_cell.angle_alpha   90.00
_cell.angle_beta   90.00
_cell.angle_gamma   90.00
#
_symmetry.space_group_name_H-M   'F 41 3 2'
#
loop_
_entity.id
_entity.type
_entity.pdbx_description
1 polymer 'E. coli MS115-1 NucC'
2 non-polymer 'MAGNESIUM ION'
3 non-polymer 'HEXAETHYLENE GLYCOL'
4 non-polymer 'TRIETHYLENE GLYCOL'
5 non-polymer 'CHLORIDE ION'
6 water water
#
_entity_poly.entity_id   1
_entity_poly.type   'polypeptide(L)'
_entity_poly.pdbx_seq_one_letter_code
;MSDWSLSQLFASLHEDIQLRLGTARKAFQHPGAKGDASEGVWIEMLDTYLPKRYQAANAFVVDSLGNFSDQIDVVVFDRQ
YSPFIFKFNEQIIVPAESVYAVFEAKQSASADLVAYAQRKVASVRRLHRTSLPIPHAGGTYPAKPLIPILGGLLTFESDW
SPALGMSFDKALNGDLSDGRLDMGCVASHGHFYFNNIDSKFNFEHGNKPATAFLFRLIAQLQFSGTVPMIDIDAYGKWLA
N
;
_entity_poly.pdbx_strand_id   A
#
# COMPACT_ATOMS: atom_id res chain seq x y z
N TRP A 4 10.60 27.37 18.61
CA TRP A 4 9.84 26.22 18.07
C TRP A 4 9.08 26.48 16.78
N SER A 5 9.13 25.54 15.83
CA SER A 5 8.43 25.75 14.58
C SER A 5 7.93 24.41 14.05
N LEU A 6 6.90 24.47 13.22
CA LEU A 6 6.35 23.25 12.68
C LEU A 6 7.37 22.57 11.79
N SER A 7 8.24 23.36 11.15
CA SER A 7 9.30 22.75 10.35
C SER A 7 10.21 21.87 11.21
N GLN A 8 10.58 22.34 12.42
CA GLN A 8 11.44 21.59 13.32
C GLN A 8 10.76 20.31 13.77
N LEU A 9 9.46 20.35 14.06
CA LEU A 9 8.78 19.10 14.37
C LEU A 9 8.92 18.10 13.26
N PHE A 10 8.74 18.53 12.00
CA PHE A 10 8.85 17.58 10.89
C PHE A 10 10.29 17.04 10.76
N ALA A 11 11.27 17.93 10.96
CA ALA A 11 12.67 17.50 10.88
C ALA A 11 12.94 16.47 11.97
N SER A 12 12.41 16.67 13.17
CA SER A 12 12.66 15.71 14.24
C SER A 12 11.91 14.41 14.03
N LEU A 13 10.69 14.47 13.47
CA LEU A 13 10.03 13.23 13.09
C LEU A 13 10.85 12.47 12.04
N HIS A 14 11.38 13.17 11.04
CA HIS A 14 12.15 12.46 10.03
C HIS A 14 13.40 11.85 10.66
N GLU A 15 14.06 12.56 11.56
CA GLU A 15 15.22 11.95 12.21
C GLU A 15 14.82 10.64 12.89
N ASP A 16 13.67 10.62 13.58
CA ASP A 16 13.25 9.41 14.24
C ASP A 16 12.93 8.32 13.24
N ILE A 17 12.28 8.65 12.13
CA ILE A 17 11.96 7.65 11.13
C ILE A 17 13.23 7.09 10.51
N GLN A 18 14.20 7.95 10.22
CA GLN A 18 15.46 7.46 9.68
C GLN A 18 16.15 6.49 10.63
N LEU A 19 16.08 6.74 11.94
CA LEU A 19 16.62 5.78 12.91
C LEU A 19 15.93 4.42 12.80
N ARG A 20 14.59 4.42 12.76
CA ARG A 20 13.86 3.15 12.64
C ARG A 20 14.26 2.45 11.36
N LEU A 21 14.44 3.20 10.28
CA LEU A 21 14.68 2.58 8.98
C LEU A 21 16.12 2.08 8.81
N GLY A 22 17.09 2.62 9.54
CA GLY A 22 18.50 2.44 9.18
C GLY A 22 19.17 1.35 9.99
N GLY A 35 16.84 -5.53 0.37
CA GLY A 35 16.35 -6.16 -0.83
C GLY A 35 15.50 -7.11 -0.06
N ASP A 36 16.12 -8.30 0.09
CA ASP A 36 15.47 -9.56 0.45
C ASP A 36 14.61 -9.40 1.70
N ALA A 37 15.13 -8.72 2.73
CA ALA A 37 14.35 -8.54 3.95
C ALA A 37 14.11 -7.08 4.33
N SER A 38 14.25 -6.14 3.40
CA SER A 38 14.16 -4.73 3.78
C SER A 38 12.74 -4.34 4.17
N GLU A 39 11.76 -5.22 3.99
CA GLU A 39 10.39 -4.80 4.26
C GLU A 39 10.15 -4.65 5.74
N GLY A 40 10.91 -5.39 6.61
CA GLY A 40 10.65 -5.37 8.04
C GLY A 40 10.67 -3.96 8.62
N VAL A 41 11.65 -3.16 8.21
CA VAL A 41 11.72 -1.82 8.79
C VAL A 41 10.62 -0.91 8.28
N TRP A 42 10.14 -1.12 7.04
CA TRP A 42 9.03 -0.32 6.54
C TRP A 42 7.73 -0.69 7.27
N ILE A 43 7.54 -1.98 7.55
CA ILE A 43 6.41 -2.42 8.34
C ILE A 43 6.41 -1.73 9.69
N GLU A 44 7.53 -1.77 10.38
CA GLU A 44 7.61 -1.16 11.69
C GLU A 44 7.33 0.34 11.61
N MET A 45 7.88 1.00 10.62
CA MET A 45 7.62 2.42 10.51
C MET A 45 6.13 2.71 10.31
N LEU A 46 5.49 1.98 9.39
CA LEU A 46 4.12 2.30 9.05
C LEU A 46 3.18 1.87 10.14
N ASP A 47 3.50 0.77 10.80
CA ASP A 47 2.64 0.36 11.91
C ASP A 47 2.80 1.26 13.13
N THR A 48 3.93 2.00 13.21
CA THR A 48 4.13 2.98 14.27
C THR A 48 3.44 4.33 13.94
N TYR A 49 3.54 4.82 12.70
CA TYR A 49 3.15 6.18 12.40
C TYR A 49 1.86 6.31 11.59
N LEU A 50 1.30 5.24 10.99
CA LEU A 50 0.00 5.41 10.39
C LEU A 50 -1.06 5.62 11.48
N PRO A 51 -2.15 6.32 11.16
CA PRO A 51 -3.28 6.36 12.10
C PRO A 51 -3.67 4.95 12.52
N LYS A 52 -4.08 4.85 13.80
CA LYS A 52 -4.25 3.54 14.40
C LYS A 52 -5.43 2.80 13.79
N ARG A 53 -6.26 3.46 13.00
CA ARG A 53 -7.30 2.70 12.32
C ARG A 53 -6.71 1.72 11.32
N TYR A 54 -5.47 1.94 10.92
CA TYR A 54 -4.77 1.06 9.98
C TYR A 54 -3.80 0.16 10.71
N GLN A 55 -3.48 -0.95 10.06
CA GLN A 55 -2.53 -1.93 10.55
C GLN A 55 -1.68 -2.31 9.34
N ALA A 56 -0.39 -2.62 9.59
CA ALA A 56 0.52 -2.99 8.50
C ALA A 56 1.20 -4.29 8.81
N ALA A 57 1.38 -5.15 7.81
CA ALA A 57 2.03 -6.43 8.01
C ALA A 57 2.49 -6.98 6.65
N ASN A 58 3.45 -7.89 6.72
CA ASN A 58 3.81 -8.73 5.58
C ASN A 58 2.74 -9.81 5.43
N ALA A 59 2.06 -9.87 4.28
CA ALA A 59 0.90 -10.75 4.22
C ALA A 59 0.58 -11.17 2.81
N PHE A 60 -0.11 -12.30 2.72
CA PHE A 60 -0.89 -12.62 1.52
C PHE A 60 -2.29 -12.04 1.60
N VAL A 61 -2.89 -11.80 0.45
CA VAL A 61 -4.29 -11.38 0.32
C VAL A 61 -5.07 -12.50 -0.35
N VAL A 62 -6.31 -12.75 0.18
CA VAL A 62 -7.14 -13.83 -0.33
C VAL A 62 -8.52 -13.30 -0.63
N ASP A 63 -9.21 -13.97 -1.58
CA ASP A 63 -10.60 -13.63 -1.88
C ASP A 63 -11.54 -14.83 -1.72
N SER A 64 -12.84 -14.56 -1.79
CA SER A 64 -13.83 -15.59 -1.48
C SER A 64 -13.94 -16.61 -2.57
N LEU A 65 -13.20 -16.41 -3.63
CA LEU A 65 -13.08 -17.45 -4.66
C LEU A 65 -11.88 -18.35 -4.41
N GLY A 66 -11.17 -18.14 -3.29
CA GLY A 66 -10.04 -19.00 -2.93
C GLY A 66 -8.78 -18.66 -3.67
N ASN A 67 -8.74 -17.51 -4.35
CA ASN A 67 -7.53 -17.05 -5.05
C ASN A 67 -6.66 -16.23 -4.11
N PHE A 68 -5.33 -16.31 -4.33
CA PHE A 68 -4.38 -15.64 -3.46
C PHE A 68 -3.57 -14.67 -4.29
N SER A 69 -3.22 -13.53 -3.70
CA SER A 69 -2.18 -12.69 -4.27
C SER A 69 -0.82 -13.31 -4.08
N ASP A 70 0.20 -12.70 -4.73
CA ASP A 70 1.56 -13.01 -4.33
C ASP A 70 1.77 -12.58 -2.86
N GLN A 71 2.91 -12.98 -2.27
CA GLN A 71 3.22 -12.47 -0.94
C GLN A 71 3.57 -10.98 -1.03
N ILE A 72 2.93 -10.17 -0.21
CA ILE A 72 3.08 -8.72 -0.30
C ILE A 72 3.96 -8.24 0.83
N ASP A 73 5.04 -7.52 0.49
CA ASP A 73 5.96 -7.10 1.54
C ASP A 73 5.26 -6.28 2.62
N VAL A 74 4.45 -5.30 2.24
CA VAL A 74 3.77 -4.43 3.17
C VAL A 74 2.31 -4.30 2.76
N VAL A 75 1.39 -4.83 3.55
CA VAL A 75 -0.04 -4.65 3.32
C VAL A 75 -0.54 -3.74 4.43
N VAL A 76 -1.30 -2.68 4.05
CA VAL A 76 -2.01 -1.80 4.99
C VAL A 76 -3.47 -2.20 4.91
N PHE A 77 -4.04 -2.60 6.06
CA PHE A 77 -5.43 -3.10 6.08
C PHE A 77 -6.14 -2.52 7.28
N ASP A 78 -7.47 -2.75 7.35
CA ASP A 78 -8.26 -2.17 8.42
C ASP A 78 -8.07 -2.91 9.72
N ARG A 79 -7.70 -2.19 10.75
CA ARG A 79 -7.39 -2.82 12.03
C ARG A 79 -8.61 -3.34 12.73
N GLN A 80 -9.68 -2.52 12.82
CA GLN A 80 -10.81 -2.82 13.71
C GLN A 80 -11.95 -3.50 13.02
N TYR A 81 -12.06 -3.30 11.71
CA TYR A 81 -13.23 -3.72 10.95
C TYR A 81 -12.92 -4.85 9.94
N SER A 82 -11.70 -5.38 9.92
CA SER A 82 -11.46 -6.58 9.11
C SER A 82 -12.23 -7.74 9.78
N PRO A 83 -12.91 -8.57 9.01
CA PRO A 83 -13.71 -9.65 9.61
C PRO A 83 -12.85 -10.82 10.10
N PHE A 84 -11.69 -11.03 9.51
CA PHE A 84 -10.78 -12.09 9.93
C PHE A 84 -9.39 -11.81 9.40
N ILE A 85 -8.41 -12.41 10.08
CA ILE A 85 -7.01 -12.34 9.64
C ILE A 85 -6.44 -13.72 9.90
N PHE A 86 -6.17 -14.51 8.84
CA PHE A 86 -5.68 -15.88 9.04
C PHE A 86 -4.21 -15.82 9.45
N LYS A 87 -3.81 -16.73 10.36
CA LYS A 87 -2.42 -16.93 10.77
C LYS A 87 -2.10 -18.39 10.47
N PHE A 88 -1.27 -18.62 9.47
CA PHE A 88 -1.05 -19.96 8.95
C PHE A 88 0.41 -20.17 8.63
N ASN A 89 1.04 -21.18 9.21
CA ASN A 89 2.43 -21.53 8.85
C ASN A 89 3.33 -20.30 8.92
N GLU A 90 3.12 -19.51 9.98
CA GLU A 90 3.90 -18.33 10.27
C GLU A 90 3.71 -17.23 9.24
N GLN A 91 2.65 -17.26 8.42
CA GLN A 91 2.31 -16.19 7.50
C GLN A 91 0.96 -15.59 7.93
N ILE A 92 0.68 -14.43 7.38
CA ILE A 92 -0.55 -13.70 7.65
C ILE A 92 -1.31 -13.61 6.34
N ILE A 93 -2.64 -13.83 6.38
CA ILE A 93 -3.46 -13.74 5.20
C ILE A 93 -4.71 -12.90 5.49
N VAL A 94 -4.92 -11.85 4.69
CA VAL A 94 -5.97 -10.86 4.91
C VAL A 94 -7.00 -10.97 3.80
N PRO A 95 -8.27 -10.73 4.07
CA PRO A 95 -9.25 -10.71 2.97
C PRO A 95 -9.10 -9.43 2.13
N ALA A 96 -9.31 -9.59 0.83
CA ALA A 96 -9.06 -8.48 -0.08
C ALA A 96 -9.89 -7.23 0.25
N GLU A 97 -11.11 -7.44 0.73
CA GLU A 97 -11.99 -6.31 0.97
C GLU A 97 -11.53 -5.35 2.07
N SER A 98 -10.56 -5.70 2.91
CA SER A 98 -10.16 -4.84 4.02
C SER A 98 -8.78 -4.26 3.78
N VAL A 99 -8.26 -4.40 2.55
CA VAL A 99 -6.96 -3.85 2.16
C VAL A 99 -7.06 -2.45 1.64
N TYR A 100 -6.16 -1.57 2.12
CA TYR A 100 -6.05 -0.20 1.64
C TYR A 100 -4.85 0.07 0.77
N ALA A 101 -3.75 -0.63 1.00
CA ALA A 101 -2.57 -0.38 0.21
C ALA A 101 -1.65 -1.57 0.23
N VAL A 102 -0.80 -1.68 -0.81
CA VAL A 102 0.16 -2.76 -0.90
C VAL A 102 1.47 -2.25 -1.47
N PHE A 103 2.57 -2.55 -0.80
CA PHE A 103 3.89 -2.08 -1.24
C PHE A 103 4.87 -3.23 -1.41
N GLU A 104 5.80 -3.05 -2.34
CA GLU A 104 6.93 -3.95 -2.53
C GLU A 104 8.17 -3.17 -2.08
N ALA A 105 9.01 -3.81 -1.29
CA ALA A 105 10.26 -3.23 -0.76
C ALA A 105 11.49 -3.97 -1.27
N LYS A 106 12.57 -3.23 -1.53
CA LYS A 106 13.86 -3.82 -1.86
C LYS A 106 14.89 -2.71 -1.65
N GLN A 107 16.16 -3.12 -1.50
CA GLN A 107 17.17 -2.16 -1.12
C GLN A 107 17.28 -1.09 -2.20
N SER A 108 17.28 -1.48 -3.46
CA SER A 108 17.55 -0.52 -4.53
C SER A 108 16.56 -0.62 -5.67
N ALA A 109 16.09 0.52 -6.15
CA ALA A 109 15.19 0.58 -7.30
C ALA A 109 15.91 0.22 -8.60
N SER A 110 15.21 -0.51 -9.48
CA SER A 110 15.70 -0.88 -10.79
C SER A 110 14.46 -1.15 -11.65
N ALA A 111 14.69 -1.35 -12.95
CA ALA A 111 13.56 -1.66 -13.83
C ALA A 111 12.93 -2.99 -13.42
N ASP A 112 13.75 -4.00 -13.11
CA ASP A 112 13.20 -5.28 -12.73
C ASP A 112 12.38 -5.17 -11.44
N LEU A 113 12.86 -4.37 -10.47
CA LEU A 113 12.07 -4.25 -9.23
C LEU A 113 10.76 -3.52 -9.47
N VAL A 114 10.75 -2.50 -10.31
CA VAL A 114 9.48 -1.80 -10.59
C VAL A 114 8.48 -2.77 -11.23
N ALA A 115 8.96 -3.56 -12.21
CA ALA A 115 8.07 -4.50 -12.91
C ALA A 115 7.53 -5.55 -11.94
N TYR A 116 8.39 -5.95 -11.04
CA TYR A 116 8.00 -6.92 -10.02
C TYR A 116 6.98 -6.32 -9.07
N ALA A 117 7.18 -5.09 -8.66
CA ALA A 117 6.20 -4.44 -7.81
C ALA A 117 4.88 -4.33 -8.54
N GLN A 118 4.90 -3.98 -9.82
CA GLN A 118 3.66 -3.89 -10.58
C GLN A 118 2.95 -5.24 -10.65
N ARG A 119 3.71 -6.33 -10.84
CA ARG A 119 3.05 -7.64 -10.91
C ARG A 119 2.41 -8.02 -9.59
N LYS A 120 3.12 -7.77 -8.48
CA LYS A 120 2.53 -8.01 -7.14
C LYS A 120 1.26 -7.23 -6.92
N VAL A 121 1.29 -5.94 -7.22
CA VAL A 121 0.13 -5.09 -7.00
C VAL A 121 -1.04 -5.57 -7.84
N ALA A 122 -0.78 -5.89 -9.10
CA ALA A 122 -1.82 -6.48 -9.96
C ALA A 122 -2.39 -7.74 -9.36
N SER A 123 -1.55 -8.56 -8.72
CA SER A 123 -2.07 -9.83 -8.20
C SER A 123 -3.09 -9.59 -7.08
N VAL A 124 -3.01 -8.44 -6.43
CA VAL A 124 -4.01 -8.04 -5.43
C VAL A 124 -5.23 -7.46 -6.09
N ARG A 125 -5.02 -6.55 -7.06
CA ARG A 125 -6.18 -5.88 -7.62
C ARG A 125 -7.02 -6.83 -8.48
N ARG A 126 -6.42 -7.92 -8.97
CA ARG A 126 -7.19 -8.86 -9.76
C ARG A 126 -8.01 -9.81 -8.92
N LEU A 127 -7.83 -9.81 -7.61
CA LEU A 127 -8.71 -10.63 -6.75
C LEU A 127 -10.15 -10.12 -6.84
N HIS A 128 -11.10 -10.98 -6.48
CA HIS A 128 -12.50 -10.58 -6.53
C HIS A 128 -12.91 -10.03 -5.15
N ARG A 129 -13.37 -8.79 -5.11
CA ARG A 129 -13.84 -8.22 -3.85
C ARG A 129 -15.36 -8.10 -3.86
N THR A 130 -16.00 -8.49 -2.75
CA THR A 130 -17.45 -8.46 -2.67
C THR A 130 -17.88 -7.18 -1.96
N SER A 131 -19.14 -6.81 -2.19
CA SER A 131 -19.71 -5.65 -1.50
C SER A 131 -21.22 -5.80 -1.54
N LEU A 132 -21.87 -5.87 -0.35
CA LEU A 132 -23.27 -6.22 -0.34
C LEU A 132 -24.13 -4.98 -0.09
N PRO A 133 -25.37 -5.00 -0.60
CA PRO A 133 -26.35 -3.93 -0.31
C PRO A 133 -26.67 -3.92 1.17
N ILE A 134 -27.22 -2.81 1.64
CA ILE A 134 -27.42 -2.65 3.08
C ILE A 134 -28.89 -2.43 3.38
N PRO A 135 -29.59 -3.38 3.97
CA PRO A 135 -31.00 -3.15 4.27
C PRO A 135 -31.15 -2.11 5.37
N HIS A 136 -32.36 -1.54 5.43
CA HIS A 136 -32.76 -0.64 6.51
C HIS A 136 -34.29 -0.60 6.50
N ALA A 137 -34.84 0.00 7.56
CA ALA A 137 -36.29 -0.03 7.74
C ALA A 137 -37.01 0.42 6.49
N GLY A 138 -36.56 1.54 5.91
CA GLY A 138 -37.24 2.08 4.75
C GLY A 138 -37.06 1.23 3.51
N GLY A 139 -35.86 0.69 3.31
CA GLY A 139 -35.61 -0.12 2.14
C GLY A 139 -34.22 -0.70 2.11
N THR A 140 -33.46 -0.40 1.05
CA THR A 140 -32.14 -1.00 0.85
C THR A 140 -31.21 0.04 0.25
N TYR A 141 -30.18 0.35 0.98
CA TYR A 141 -29.12 1.20 0.47
C TYR A 141 -28.22 0.41 -0.50
N PRO A 142 -27.67 1.06 -1.51
CA PRO A 142 -26.77 0.36 -2.44
C PRO A 142 -25.51 -0.09 -1.74
N ALA A 143 -24.88 -1.09 -2.35
CA ALA A 143 -23.61 -1.60 -1.81
C ALA A 143 -22.59 -0.48 -1.71
N LYS A 144 -21.72 -0.54 -0.72
CA LYS A 144 -20.67 0.46 -0.65
C LYS A 144 -19.62 0.29 -1.74
N PRO A 145 -18.91 1.35 -2.07
CA PRO A 145 -17.81 1.24 -3.03
C PRO A 145 -16.68 0.43 -2.47
N LEU A 146 -15.97 -0.20 -3.38
CA LEU A 146 -14.76 -0.88 -2.94
C LEU A 146 -13.69 0.14 -2.56
N ILE A 147 -12.82 -0.21 -1.61
CA ILE A 147 -11.63 0.65 -1.31
C ILE A 147 -10.73 0.80 -2.55
N PRO A 148 -10.33 2.00 -2.95
CA PRO A 148 -9.36 2.11 -4.06
C PRO A 148 -7.94 1.74 -3.56
N ILE A 149 -7.49 0.56 -3.97
CA ILE A 149 -6.25 0.03 -3.37
C ILE A 149 -5.04 0.77 -3.91
N LEU A 150 -4.25 1.33 -3.01
CA LEU A 150 -3.04 2.02 -3.41
C LEU A 150 -1.91 1.01 -3.57
N GLY A 151 -1.08 1.21 -4.63
CA GLY A 151 0.06 0.36 -4.78
C GLY A 151 1.36 1.18 -4.77
N GLY A 152 2.48 0.57 -4.42
CA GLY A 152 3.71 1.33 -4.47
C GLY A 152 4.94 0.50 -4.22
N LEU A 153 6.07 1.23 -4.14
CA LEU A 153 7.38 0.58 -3.97
C LEU A 153 8.21 1.40 -3.02
N LEU A 154 9.01 0.71 -2.19
CA LEU A 154 9.76 1.33 -1.11
C LEU A 154 11.20 0.83 -1.21
N THR A 155 12.16 1.75 -1.43
CA THR A 155 13.55 1.36 -1.53
C THR A 155 14.41 2.36 -0.78
N PHE A 156 15.68 1.95 -0.52
CA PHE A 156 16.56 2.88 0.16
C PHE A 156 17.37 3.66 -0.83
N GLU A 157 17.70 3.03 -1.99
CA GLU A 157 18.59 3.61 -2.97
C GLU A 157 17.97 3.40 -4.39
N SER A 158 18.65 3.91 -5.39
CA SER A 158 18.31 3.60 -6.77
C SER A 158 19.51 3.17 -7.59
N ASP A 159 19.27 2.23 -8.51
CA ASP A 159 20.34 1.88 -9.42
C ASP A 159 20.56 2.95 -10.48
N TRP A 160 19.59 3.86 -10.65
CA TRP A 160 19.72 4.86 -11.71
C TRP A 160 20.45 6.11 -11.23
N SER A 161 21.11 6.79 -12.15
CA SER A 161 21.63 8.13 -11.92
C SER A 161 21.13 9.02 -13.05
N PRO A 162 20.35 10.06 -12.76
CA PRO A 162 19.78 10.43 -11.46
C PRO A 162 18.82 9.41 -10.91
N ALA A 163 18.65 9.37 -9.61
CA ALA A 163 17.81 8.37 -8.98
C ALA A 163 16.36 8.55 -9.39
N LEU A 164 15.86 9.79 -9.42
CA LEU A 164 14.46 10.11 -9.69
C LEU A 164 14.36 10.86 -11.01
N GLY A 165 14.51 10.17 -12.09
CA GLY A 165 14.57 10.84 -13.40
C GLY A 165 13.87 10.08 -14.50
N MET A 166 14.32 10.30 -15.74
CA MET A 166 13.62 9.78 -16.90
C MET A 166 13.55 8.27 -16.91
N SER A 167 14.60 7.58 -16.50
CA SER A 167 14.56 6.11 -16.55
C SER A 167 13.56 5.55 -15.53
N PHE A 168 13.53 6.13 -14.35
CA PHE A 168 12.54 5.67 -13.35
C PHE A 168 11.13 5.97 -13.85
N ASP A 169 10.94 7.17 -14.44
CA ASP A 169 9.61 7.55 -14.94
C ASP A 169 9.17 6.57 -16.02
N LYS A 170 10.08 6.20 -16.91
CA LYS A 170 9.71 5.21 -17.93
C LYS A 170 9.31 3.87 -17.33
N ALA A 171 10.04 3.42 -16.32
CA ALA A 171 9.66 2.17 -15.67
C ALA A 171 8.29 2.29 -15.01
N LEU A 172 8.02 3.40 -14.31
CA LEU A 172 6.71 3.52 -13.65
C LEU A 172 5.57 3.51 -14.65
N ASN A 173 5.79 4.07 -15.82
CA ASN A 173 4.82 4.10 -16.92
C ASN A 173 4.66 2.76 -17.64
N GLY A 174 5.35 1.72 -17.24
CA GLY A 174 5.16 0.42 -17.82
C GLY A 174 3.92 -0.30 -17.41
N ASP A 175 3.25 0.17 -16.34
CA ASP A 175 1.96 -0.43 -15.99
C ASP A 175 1.09 0.68 -15.44
N LEU A 176 0.14 1.11 -16.25
CA LEU A 176 -0.83 2.10 -15.82
C LEU A 176 -2.22 1.51 -15.62
N SER A 177 -2.33 0.20 -15.42
CA SER A 177 -3.65 -0.37 -15.07
C SER A 177 -3.59 -1.18 -13.81
N ASP A 178 -3.81 -2.50 -13.89
CA ASP A 178 -3.99 -3.24 -12.66
C ASP A 178 -2.76 -3.13 -11.79
N GLY A 179 -1.58 -3.03 -12.42
CA GLY A 179 -0.35 -2.95 -11.66
C GLY A 179 0.14 -1.55 -11.34
N ARG A 180 -0.67 -0.53 -11.56
CA ARG A 180 -0.21 0.86 -11.41
C ARG A 180 0.28 1.10 -10.01
N LEU A 181 1.45 1.74 -9.90
CA LEU A 181 1.99 2.14 -8.62
C LEU A 181 1.58 3.59 -8.38
N ASP A 182 0.87 3.80 -7.30
CA ASP A 182 0.38 5.14 -7.03
C ASP A 182 1.42 6.02 -6.35
N MET A 183 2.27 5.41 -5.54
CA MET A 183 3.24 6.23 -4.82
C MET A 183 4.38 5.35 -4.34
N GLY A 184 5.44 5.99 -3.88
CA GLY A 184 6.59 5.21 -3.43
C GLY A 184 7.71 6.13 -2.95
N CYS A 185 8.76 5.51 -2.43
CA CYS A 185 9.84 6.25 -1.78
C CYS A 185 11.15 5.64 -2.17
N VAL A 186 12.14 6.47 -2.53
CA VAL A 186 13.56 6.13 -2.58
C VAL A 186 14.17 6.91 -1.42
N ALA A 187 14.56 6.23 -0.35
CA ALA A 187 14.79 6.93 0.90
C ALA A 187 15.93 7.90 0.84
N SER A 188 16.91 7.65 -0.01
CA SER A 188 18.06 8.50 -0.15
C SER A 188 17.77 9.77 -0.95
N HIS A 189 16.65 9.80 -1.71
CA HIS A 189 16.47 10.94 -2.60
C HIS A 189 15.11 11.62 -2.56
N GLY A 190 14.02 10.88 -2.38
CA GLY A 190 12.73 11.54 -2.50
C GLY A 190 11.57 10.55 -2.59
N HIS A 191 10.47 11.05 -3.15
CA HIS A 191 9.30 10.19 -3.28
C HIS A 191 8.59 10.54 -4.58
N PHE A 192 7.69 9.63 -4.99
CA PHE A 192 6.90 9.84 -6.17
C PHE A 192 5.42 9.55 -5.89
N TYR A 193 4.57 10.15 -6.75
CA TYR A 193 3.15 9.81 -6.69
C TYR A 193 2.56 10.05 -8.03
N PHE A 194 1.53 9.25 -8.33
CA PHE A 194 0.80 9.43 -9.58
C PHE A 194 -0.21 10.57 -9.43
N ASN A 195 -0.17 11.49 -10.40
CA ASN A 195 -1.04 12.66 -10.46
C ASN A 195 -2.17 12.37 -11.44
N ASN A 196 -3.37 12.13 -10.89
CA ASN A 196 -4.48 11.70 -11.74
C ASN A 196 -4.93 12.81 -12.67
N ILE A 197 -4.75 14.07 -12.26
CA ILE A 197 -5.17 15.20 -13.08
C ILE A 197 -4.39 15.23 -14.38
N ASP A 198 -3.07 15.33 -14.28
CA ASP A 198 -2.23 15.41 -15.46
C ASP A 198 -1.91 14.03 -16.03
N SER A 199 -2.39 12.97 -15.38
CA SER A 199 -2.08 11.61 -15.80
C SER A 199 -0.57 11.43 -15.99
N LYS A 200 0.19 11.64 -14.91
CA LYS A 200 1.64 11.47 -15.00
C LYS A 200 2.21 11.31 -13.60
N PHE A 201 3.43 10.80 -13.53
CA PHE A 201 4.10 10.67 -12.25
C PHE A 201 4.79 11.99 -11.88
N ASN A 202 4.71 12.35 -10.61
CA ASN A 202 5.41 13.52 -10.09
C ASN A 202 6.52 13.02 -9.16
N PHE A 203 7.73 13.61 -9.28
CA PHE A 203 8.79 13.30 -8.34
C PHE A 203 9.02 14.49 -7.42
N GLU A 204 9.21 14.23 -6.13
CA GLU A 204 9.56 15.28 -5.17
C GLU A 204 10.90 14.91 -4.55
N HIS A 205 11.90 15.71 -4.84
CA HIS A 205 13.23 15.51 -4.29
C HIS A 205 13.33 16.28 -3.00
N GLY A 206 14.00 15.71 -2.01
CA GLY A 206 14.07 16.47 -0.76
C GLY A 206 14.92 15.76 0.26
N ASN A 207 15.06 16.39 1.44
CA ASN A 207 15.91 15.82 2.49
C ASN A 207 15.14 15.12 3.59
N LYS A 208 13.83 14.86 3.36
CA LYS A 208 13.03 14.02 4.28
C LYS A 208 12.17 13.03 3.52
N PRO A 209 12.77 12.15 2.69
CA PRO A 209 11.94 11.37 1.76
C PRO A 209 10.89 10.46 2.41
N ALA A 210 11.30 9.71 3.40
CA ALA A 210 10.39 8.74 3.96
C ALA A 210 9.23 9.42 4.65
N THR A 211 9.53 10.56 5.28
CA THR A 211 8.48 11.32 5.98
C THR A 211 7.57 11.99 4.97
N ALA A 212 8.15 12.50 3.87
CA ALA A 212 7.28 13.06 2.84
C ALA A 212 6.38 12.00 2.23
N PHE A 213 6.92 10.81 2.02
CA PHE A 213 6.14 9.68 1.54
C PHE A 213 5.03 9.36 2.53
N LEU A 214 5.38 9.28 3.82
CA LEU A 214 4.35 8.99 4.84
C LEU A 214 3.19 9.99 4.76
N PHE A 215 3.50 11.27 4.63
CA PHE A 215 2.45 12.28 4.56
C PHE A 215 1.64 12.20 3.26
N ARG A 216 2.25 11.77 2.16
CA ARG A 216 1.48 11.56 0.95
CA ARG A 216 1.48 11.56 0.95
C ARG A 216 0.49 10.42 1.14
N LEU A 217 0.94 9.35 1.79
CA LEU A 217 0.10 8.19 2.01
C LEU A 217 -1.02 8.55 2.95
N ILE A 218 -0.72 9.22 4.05
CA ILE A 218 -1.81 9.54 5.00
C ILE A 218 -2.83 10.46 4.33
N ALA A 219 -2.38 11.41 3.54
CA ALA A 219 -3.31 12.32 2.87
C ALA A 219 -4.25 11.54 1.94
N GLN A 220 -3.73 10.55 1.22
CA GLN A 220 -4.58 9.82 0.28
C GLN A 220 -5.48 8.84 1.04
N LEU A 221 -5.00 8.23 2.10
CA LEU A 221 -5.81 7.22 2.77
C LEU A 221 -7.07 7.80 3.36
N GLN A 222 -7.05 9.07 3.76
CA GLN A 222 -8.23 9.57 4.45
C GLN A 222 -9.42 9.67 3.49
N PHE A 223 -9.16 9.63 2.19
CA PHE A 223 -10.21 9.57 1.17
C PHE A 223 -10.50 8.15 0.64
N SER A 224 -9.98 7.12 1.30
CA SER A 224 -10.15 5.76 0.77
C SER A 224 -11.44 5.08 1.18
N GLY A 225 -12.21 5.71 2.01
CA GLY A 225 -13.48 5.15 2.51
C GLY A 225 -13.21 4.08 3.55
N THR A 226 -14.14 3.14 3.64
CA THR A 226 -14.18 2.17 4.72
C THR A 226 -14.44 0.79 4.13
N VAL A 227 -14.36 -0.23 4.96
CA VAL A 227 -14.53 -1.60 4.49
C VAL A 227 -15.98 -1.77 4.09
N PRO A 228 -16.28 -2.42 2.99
CA PRO A 228 -17.67 -2.63 2.61
C PRO A 228 -18.36 -3.69 3.44
N MET A 229 -19.69 -3.90 3.23
CA MET A 229 -20.33 -5.12 3.73
C MET A 229 -19.85 -6.29 2.89
N ILE A 230 -19.16 -7.21 3.53
CA ILE A 230 -18.45 -8.28 2.83
C ILE A 230 -19.33 -9.49 2.78
N ASP A 231 -19.22 -10.26 1.67
CA ASP A 231 -19.95 -11.53 1.58
C ASP A 231 -19.18 -12.56 2.41
N ILE A 232 -19.37 -12.48 3.73
CA ILE A 232 -18.73 -13.41 4.67
C ILE A 232 -19.20 -14.83 4.44
N ASP A 233 -20.52 -15.00 4.15
CA ASP A 233 -21.05 -16.30 3.83
C ASP A 233 -20.28 -16.95 2.68
N ALA A 234 -19.90 -16.16 1.69
CA ALA A 234 -19.18 -16.73 0.56
C ALA A 234 -17.81 -17.24 0.99
N TYR A 235 -17.12 -16.50 1.86
CA TYR A 235 -15.88 -17.03 2.46
C TYR A 235 -16.17 -18.31 3.26
N GLY A 236 -17.22 -18.32 4.03
CA GLY A 236 -17.50 -19.46 4.84
C GLY A 236 -17.83 -20.73 4.13
N LYS A 237 -18.19 -20.66 2.86
CA LYS A 237 -18.43 -21.90 2.14
C LYS A 237 -17.19 -22.77 2.13
N TRP A 238 -16.02 -22.18 2.33
CA TRP A 238 -14.77 -22.93 2.30
C TRP A 238 -14.54 -23.67 3.59
N LEU A 239 -15.45 -23.55 4.54
CA LEU A 239 -15.36 -24.36 5.74
C LEU A 239 -15.62 -25.84 5.45
N ALA A 240 -16.25 -26.18 4.35
CA ALA A 240 -16.67 -27.59 4.13
C ALA A 240 -15.81 -28.25 3.06
#